data_9LID
#
_entry.id   9LID
#
_cell.length_a   50.484
_cell.length_b   112.359
_cell.length_c   72.390
_cell.angle_alpha   90.00
_cell.angle_beta   110.33
_cell.angle_gamma   90.00
#
_symmetry.space_group_name_H-M   'P 1 21 1'
#
loop_
_entity.id
_entity.type
_entity.pdbx_description
1 polymer 'Membrane-associated tyrosine- and threonine-specific cdc2-inhibitory kinase'
2 non-polymer 4-[7-azanyl-8-(7-fluoranyl-1H-indazol-4-yl)-6-oxidanylidene-5H-1,5-naphthyridin-3-yl]-N,N-dimethyl-benzamide
3 non-polymer 'SULFATE ION'
4 water water
#
_entity_poly.entity_id   1
_entity_poly.type   'polypeptide(L)'
_entity_poly.pdbx_seq_one_letter_code
;HQLQPRRVSFRGEASETLQSPGYDPSRPESFFQQSFQRLSRLGHGSYGEVFKVRSKEDGRLYAVKRSMSPFRGPKDRARK
LAEVGSHEKVGQHPCCVRLEQAWEEGGILYLQTELCGPSLQQHCEAWGASLPEAQVWGYLRDTLLALAHLHSQGLVHLDV
KPANIFLGPRGRCKLGDFGLLVELGTAGAGEVQEGDPRYMAPELLQGSYGTAADVFSLGLTILEVACNMELPHGGEGWQQ
LRQGYLPPEFTAGLSSELRSVLVMMLEPDPKLRATAEALLALPVLRQP
;
_entity_poly.pdbx_strand_id   A,B
#
loop_
_chem_comp.id
_chem_comp.type
_chem_comp.name
_chem_comp.formula
A1EJX non-polymer 4-[7-azanyl-8-(7-fluoranyl-1H-indazol-4-yl)-6-oxidanylidene-5H-1,5-naphthyridin-3-yl]-N,N-dimethyl-benzamide 'C24 H19 F N6 O2'
SO4 non-polymer 'SULFATE ION' 'O4 S -2'
#
# COMPACT_ATOMS: atom_id res chain seq x y z
N LEU A 3 -7.79 -38.42 -3.80
CA LEU A 3 -8.69 -37.27 -3.72
C LEU A 3 -8.50 -36.34 -4.91
N GLN A 4 -9.60 -35.98 -5.55
CA GLN A 4 -9.54 -35.27 -6.82
C GLN A 4 -10.25 -33.93 -6.73
N PRO A 5 -9.75 -32.91 -7.43
CA PRO A 5 -10.40 -31.60 -7.42
C PRO A 5 -11.64 -31.59 -8.31
N ARG A 6 -12.74 -31.11 -7.76
CA ARG A 6 -14.03 -31.07 -8.45
C ARG A 6 -14.38 -29.61 -8.73
N ARG A 7 -14.80 -29.33 -9.95
CA ARG A 7 -15.08 -27.95 -10.31
C ARG A 7 -16.40 -27.50 -9.67
N VAL A 8 -16.49 -26.21 -9.37
CA VAL A 8 -17.66 -25.63 -8.72
C VAL A 8 -18.20 -24.50 -9.60
N SER A 9 -19.42 -24.69 -10.09
CA SER A 9 -20.12 -23.69 -10.87
C SER A 9 -21.61 -23.92 -10.72
N PHE A 10 -22.39 -22.85 -10.88
CA PHE A 10 -23.85 -22.93 -10.81
C PHE A 10 -24.50 -22.86 -12.19
N ARG A 11 -23.96 -23.60 -13.16
CA ARG A 11 -24.55 -23.66 -14.50
C ARG A 11 -24.48 -25.09 -15.04
N SER A 20 -5.59 -27.70 -16.58
CA SER A 20 -4.74 -28.32 -15.57
C SER A 20 -3.59 -29.11 -16.19
N PRO A 21 -2.62 -28.41 -16.80
CA PRO A 21 -1.48 -29.11 -17.41
C PRO A 21 -0.42 -29.50 -16.40
N GLY A 22 -0.12 -28.60 -15.45
CA GLY A 22 0.85 -28.90 -14.42
C GLY A 22 0.37 -29.88 -13.37
N TYR A 23 -0.90 -30.26 -13.40
CA TYR A 23 -1.49 -31.15 -12.41
C TYR A 23 -1.39 -32.59 -12.89
N ASP A 24 -0.65 -33.42 -12.14
CA ASP A 24 -0.63 -34.85 -12.37
C ASP A 24 -1.55 -35.52 -11.38
N PRO A 25 -2.72 -36.02 -11.79
CA PRO A 25 -3.66 -36.61 -10.82
C PRO A 25 -3.08 -37.76 -9.99
N SER A 26 -1.87 -38.23 -10.31
CA SER A 26 -1.22 -39.30 -9.55
C SER A 26 -0.33 -38.81 -8.42
N ARG A 27 0.08 -37.53 -8.45
CA ARG A 27 0.91 -37.01 -7.37
C ARG A 27 0.04 -36.66 -6.15
N PRO A 28 0.60 -36.76 -4.94
CA PRO A 28 -0.20 -36.50 -3.73
C PRO A 28 -0.47 -35.02 -3.46
N GLU A 29 0.36 -34.11 -3.95
CA GLU A 29 0.14 -32.69 -3.70
C GLU A 29 -1.19 -32.23 -4.31
N SER A 30 -1.81 -31.24 -3.67
CA SER A 30 -3.12 -30.78 -4.09
C SER A 30 -3.04 -30.07 -5.44
N PHE A 31 -4.20 -29.99 -6.11
CA PHE A 31 -4.28 -29.27 -7.37
C PHE A 31 -3.84 -27.82 -7.21
N PHE A 32 -4.06 -27.23 -6.03
CA PHE A 32 -3.58 -25.89 -5.76
C PHE A 32 -2.05 -25.84 -5.81
N GLN A 33 -1.40 -26.81 -5.16
CA GLN A 33 0.06 -26.80 -5.08
C GLN A 33 0.73 -27.23 -6.37
N GLN A 34 0.00 -27.93 -7.25
CA GLN A 34 0.59 -28.40 -8.51
C GLN A 34 0.34 -27.48 -9.68
N SER A 35 -0.71 -26.67 -9.65
CA SER A 35 -1.04 -25.82 -10.78
C SER A 35 -0.69 -24.35 -10.54
N PHE A 36 -0.08 -24.03 -9.40
CA PHE A 36 0.16 -22.63 -9.03
C PHE A 36 1.51 -22.48 -8.38
N GLN A 37 2.05 -21.28 -8.47
CA GLN A 37 3.24 -20.86 -7.74
C GLN A 37 2.80 -19.84 -6.72
N ARG A 38 2.87 -20.19 -5.43
CA ARG A 38 2.55 -19.24 -4.37
C ARG A 38 3.59 -18.14 -4.35
N LEU A 39 3.15 -16.89 -4.45
CA LEU A 39 4.06 -15.75 -4.37
C LEU A 39 4.02 -15.08 -3.00
N SER A 40 2.84 -14.78 -2.47
CA SER A 40 2.75 -14.13 -1.16
C SER A 40 1.36 -14.36 -0.59
N ARG A 41 1.27 -14.33 0.74
CA ARG A 41 0.01 -14.47 1.45
C ARG A 41 -0.61 -13.09 1.59
N LEU A 42 -1.75 -12.88 0.91
CA LEU A 42 -2.42 -11.58 0.97
C LEU A 42 -3.16 -11.38 2.27
N GLY A 43 -3.79 -12.42 2.80
CA GLY A 43 -4.53 -12.29 4.04
C GLY A 43 -4.90 -13.63 4.61
N HIS A 44 -5.09 -13.65 5.94
CA HIS A 44 -5.59 -14.82 6.63
C HIS A 44 -6.52 -14.40 7.76
N GLY A 45 -7.68 -15.04 7.83
CA GLY A 45 -8.61 -14.85 8.92
C GLY A 45 -9.35 -16.14 9.21
N SER A 46 -10.52 -16.05 9.84
CA SER A 46 -11.33 -17.24 10.03
C SER A 46 -11.84 -17.79 8.70
N TYR A 47 -12.06 -16.91 7.71
CA TYR A 47 -12.52 -17.34 6.39
C TYR A 47 -11.53 -18.27 5.72
N GLY A 48 -10.24 -18.14 6.04
CA GLY A 48 -9.21 -18.93 5.41
C GLY A 48 -8.00 -18.10 5.06
N GLU A 49 -7.39 -18.38 3.91
CA GLU A 49 -6.24 -17.63 3.46
C GLU A 49 -6.46 -17.14 2.03
N VAL A 50 -5.82 -16.02 1.70
CA VAL A 50 -5.82 -15.48 0.34
C VAL A 50 -4.37 -15.33 -0.08
N PHE A 51 -4.00 -16.00 -1.17
CA PHE A 51 -2.62 -16.00 -1.66
C PHE A 51 -2.54 -15.25 -2.99
N LYS A 52 -1.47 -14.48 -3.16
CA LYS A 52 -1.10 -13.99 -4.48
C LYS A 52 -0.34 -15.11 -5.19
N VAL A 53 -0.92 -15.62 -6.28
CA VAL A 53 -0.33 -16.76 -6.97
C VAL A 53 -0.11 -16.42 -8.43
N ARG A 54 0.86 -17.11 -9.02
CA ARG A 54 1.03 -17.15 -10.47
C ARG A 54 0.75 -18.57 -10.91
N SER A 55 -0.05 -18.72 -11.95
CA SER A 55 -0.43 -20.06 -12.40
C SER A 55 0.75 -20.75 -13.07
N LYS A 56 0.97 -22.03 -12.72
CA LYS A 56 1.96 -22.82 -13.44
C LYS A 56 1.49 -23.18 -14.84
N GLU A 57 0.25 -22.85 -15.20
CA GLU A 57 -0.28 -23.11 -16.53
C GLU A 57 -0.02 -21.94 -17.48
N ASP A 58 -0.60 -20.77 -17.20
CA ASP A 58 -0.44 -19.62 -18.08
C ASP A 58 0.54 -18.59 -17.54
N GLY A 59 0.86 -18.63 -16.25
CA GLY A 59 1.80 -17.67 -15.69
C GLY A 59 1.26 -16.28 -15.52
N ARG A 60 -0.06 -16.14 -15.37
CA ARG A 60 -0.67 -14.87 -15.04
C ARG A 60 -0.85 -14.76 -13.54
N LEU A 61 -1.04 -13.52 -13.08
CA LEU A 61 -1.23 -13.24 -11.66
C LEU A 61 -2.70 -13.35 -11.30
N TYR A 62 -3.00 -14.21 -10.33
CA TYR A 62 -4.33 -14.31 -9.77
C TYR A 62 -4.24 -14.26 -8.25
N ALA A 63 -5.40 -14.15 -7.62
CA ALA A 63 -5.53 -14.26 -6.17
C ALA A 63 -6.41 -15.46 -5.87
N VAL A 64 -5.91 -16.37 -5.05
CA VAL A 64 -6.67 -17.57 -4.68
C VAL A 64 -7.02 -17.49 -3.20
N LYS A 65 -8.28 -17.73 -2.88
CA LYS A 65 -8.77 -17.81 -1.52
C LYS A 65 -9.16 -19.25 -1.21
N ARG A 66 -8.66 -19.78 -0.09
CA ARG A 66 -9.02 -21.13 0.34
C ARG A 66 -9.65 -21.08 1.72
N SER A 67 -10.66 -21.90 1.93
CA SER A 67 -11.31 -21.98 3.23
C SER A 67 -10.37 -22.59 4.26
N MET A 68 -10.65 -22.30 5.53
CA MET A 68 -9.70 -22.69 6.58
C MET A 68 -9.78 -24.18 6.89
N SER A 69 -10.97 -24.68 7.19
CA SER A 69 -11.16 -26.04 7.65
C SER A 69 -12.03 -26.84 6.68
N PRO A 70 -11.94 -28.17 6.71
CA PRO A 70 -12.81 -28.97 5.84
C PRO A 70 -14.28 -28.74 6.14
N PHE A 71 -15.13 -29.06 5.16
CA PHE A 71 -16.56 -28.85 5.29
C PHE A 71 -17.10 -29.57 6.51
N ARG A 72 -17.78 -28.81 7.38
CA ARG A 72 -18.32 -29.40 8.62
C ARG A 72 -19.57 -30.22 8.33
N GLY A 73 -20.33 -29.87 7.30
CA GLY A 73 -21.54 -30.56 6.98
C GLY A 73 -22.15 -30.05 5.68
N PRO A 74 -23.34 -30.55 5.33
CA PRO A 74 -24.00 -30.07 4.11
C PRO A 74 -24.27 -28.56 4.11
N LYS A 75 -24.89 -28.05 5.18
CA LYS A 75 -25.19 -26.62 5.24
C LYS A 75 -23.93 -25.78 5.17
N ASP A 76 -22.88 -26.20 5.89
CA ASP A 76 -21.62 -25.47 5.84
C ASP A 76 -21.04 -25.46 4.43
N ARG A 77 -21.13 -26.61 3.74
CA ARG A 77 -20.68 -26.65 2.34
C ARG A 77 -21.53 -25.73 1.48
N ALA A 78 -22.85 -25.82 1.58
CA ALA A 78 -23.73 -24.98 0.77
C ALA A 78 -23.51 -23.50 1.05
N ARG A 79 -23.27 -23.14 2.31
CA ARG A 79 -23.02 -21.75 2.63
C ARG A 79 -21.75 -21.25 1.97
N LYS A 80 -20.70 -22.08 1.95
CA LYS A 80 -19.44 -21.65 1.35
C LYS A 80 -19.52 -21.61 -0.16
N LEU A 81 -20.17 -22.60 -0.79
CA LEU A 81 -20.24 -22.59 -2.25
C LEU A 81 -21.14 -21.49 -2.78
N ALA A 82 -22.00 -20.91 -1.94
CA ALA A 82 -22.91 -19.87 -2.41
C ALA A 82 -22.16 -18.63 -2.88
N GLU A 83 -20.96 -18.37 -2.34
CA GLU A 83 -20.17 -17.24 -2.82
C GLU A 83 -19.85 -17.41 -4.29
N VAL A 84 -19.62 -18.64 -4.73
CA VAL A 84 -19.36 -18.89 -6.14
C VAL A 84 -20.61 -18.59 -6.97
N GLY A 85 -21.78 -19.04 -6.51
CA GLY A 85 -23.02 -18.67 -7.17
C GLY A 85 -23.22 -17.18 -7.22
N SER A 86 -22.88 -16.48 -6.14
CA SER A 86 -23.01 -15.03 -6.11
C SER A 86 -22.09 -14.36 -7.15
N HIS A 87 -20.85 -14.83 -7.28
CA HIS A 87 -19.96 -14.26 -8.29
C HIS A 87 -20.52 -14.44 -9.70
N GLU A 88 -21.22 -15.55 -9.94
CA GLU A 88 -21.73 -15.80 -11.28
C GLU A 88 -22.93 -14.91 -11.59
N LYS A 89 -23.83 -14.72 -10.63
CA LYS A 89 -24.98 -13.83 -10.85
C LYS A 89 -24.53 -12.41 -11.12
N VAL A 90 -23.39 -12.00 -10.56
CA VAL A 90 -22.86 -10.66 -10.83
C VAL A 90 -22.28 -10.60 -12.23
N GLY A 91 -21.57 -11.63 -12.64
CA GLY A 91 -21.07 -11.66 -14.00
C GLY A 91 -19.95 -10.66 -14.23
N GLN A 92 -19.81 -10.29 -15.50
CA GLN A 92 -18.69 -9.47 -15.95
C GLN A 92 -19.04 -8.00 -15.83
N HIS A 93 -18.24 -7.26 -15.06
CA HIS A 93 -18.35 -5.82 -14.96
C HIS A 93 -16.99 -5.23 -14.60
N PRO A 94 -16.63 -4.08 -15.18
CA PRO A 94 -15.29 -3.53 -14.90
C PRO A 94 -15.04 -3.20 -13.45
N CYS A 95 -16.08 -2.85 -12.69
CA CYS A 95 -15.92 -2.46 -11.30
C CYS A 95 -16.24 -3.58 -10.33
N CYS A 96 -16.25 -4.82 -10.81
CA CYS A 96 -16.47 -5.98 -9.96
C CYS A 96 -15.30 -6.95 -10.11
N VAL A 97 -14.82 -7.46 -8.98
CA VAL A 97 -13.75 -8.47 -9.00
C VAL A 97 -14.25 -9.70 -9.74
N ARG A 98 -13.62 -10.01 -10.87
CA ARG A 98 -14.04 -11.13 -11.70
C ARG A 98 -13.60 -12.46 -11.10
N LEU A 99 -14.50 -13.43 -11.11
CA LEU A 99 -14.17 -14.81 -10.76
C LEU A 99 -13.68 -15.53 -12.01
N GLU A 100 -12.53 -16.19 -11.90
CA GLU A 100 -11.99 -16.98 -13.01
C GLU A 100 -12.45 -18.43 -12.94
N GLN A 101 -12.25 -19.08 -11.79
CA GLN A 101 -12.75 -20.43 -11.62
C GLN A 101 -12.72 -20.77 -10.14
N ALA A 102 -13.53 -21.75 -9.78
CA ALA A 102 -13.59 -22.26 -8.42
C ALA A 102 -13.60 -23.77 -8.45
N TRP A 103 -12.97 -24.37 -7.45
CA TRP A 103 -13.00 -25.81 -7.31
C TRP A 103 -13.00 -26.16 -5.83
N GLU A 104 -13.21 -27.43 -5.55
CA GLU A 104 -13.16 -27.96 -4.20
C GLU A 104 -12.30 -29.21 -4.20
N GLU A 105 -11.50 -29.37 -3.14
CA GLU A 105 -10.66 -30.55 -2.99
C GLU A 105 -10.48 -30.81 -1.50
N GLY A 106 -10.78 -32.05 -1.09
CA GLY A 106 -10.63 -32.42 0.31
C GLY A 106 -11.49 -31.64 1.27
N GLY A 107 -12.66 -31.18 0.82
CA GLY A 107 -13.53 -30.38 1.67
C GLY A 107 -13.14 -28.92 1.78
N ILE A 108 -12.07 -28.50 1.09
CA ILE A 108 -11.62 -27.12 1.07
C ILE A 108 -12.11 -26.48 -0.22
N LEU A 109 -12.66 -25.27 -0.12
CA LEU A 109 -13.16 -24.54 -1.27
C LEU A 109 -12.11 -23.51 -1.73
N TYR A 110 -11.85 -23.49 -3.04
CA TYR A 110 -10.85 -22.61 -3.65
C TYR A 110 -11.52 -21.70 -4.67
N LEU A 111 -11.33 -20.39 -4.52
CA LEU A 111 -11.81 -19.39 -5.48
C LEU A 111 -10.62 -18.66 -6.08
N GLN A 112 -10.59 -18.57 -7.40
CA GLN A 112 -9.48 -17.92 -8.12
C GLN A 112 -10.02 -16.71 -8.88
N THR A 113 -9.66 -15.51 -8.40
CA THR A 113 -10.11 -14.26 -9.01
C THR A 113 -8.93 -13.56 -9.67
N GLU A 114 -9.25 -12.50 -10.40
CA GLU A 114 -8.19 -11.63 -10.92
C GLU A 114 -7.46 -10.96 -9.75
N LEU A 115 -6.17 -10.73 -9.93
CA LEU A 115 -5.37 -10.07 -8.91
C LEU A 115 -5.63 -8.57 -8.95
N CYS A 116 -5.98 -8.00 -7.81
CA CYS A 116 -6.24 -6.58 -7.67
C CYS A 116 -5.13 -5.93 -6.85
N GLY A 117 -5.30 -4.64 -6.58
CA GLY A 117 -4.39 -3.93 -5.73
C GLY A 117 -4.76 -4.16 -4.28
N PRO A 118 -4.31 -3.27 -3.40
CA PRO A 118 -4.70 -3.37 -1.99
C PRO A 118 -6.18 -3.05 -1.83
N SER A 119 -6.74 -3.55 -0.73
CA SER A 119 -8.07 -3.14 -0.36
C SER A 119 -8.09 -1.66 -0.04
N LEU A 120 -9.25 -1.02 -0.22
CA LEU A 120 -9.37 0.38 0.17
C LEU A 120 -9.00 0.58 1.63
N GLN A 121 -9.24 -0.44 2.47
CA GLN A 121 -8.86 -0.35 3.87
C GLN A 121 -7.35 -0.30 4.01
N GLN A 122 -6.64 -1.17 3.29
CA GLN A 122 -5.18 -1.14 3.31
C GLN A 122 -4.65 0.18 2.76
N HIS A 123 -5.28 0.70 1.71
CA HIS A 123 -4.82 1.96 1.14
C HIS A 123 -4.96 3.09 2.16
N CYS A 124 -6.13 3.20 2.80
CA CYS A 124 -6.35 4.25 3.80
C CYS A 124 -5.40 4.11 4.98
N GLU A 125 -5.21 2.87 5.45
CA GLU A 125 -4.25 2.60 6.50
C GLU A 125 -2.87 3.12 6.13
N ALA A 126 -2.42 2.86 4.90
CA ALA A 126 -1.10 3.30 4.48
C ALA A 126 -0.98 4.81 4.48
N TRP A 127 -2.02 5.51 4.04
CA TRP A 127 -1.95 6.96 4.03
C TRP A 127 -2.20 7.55 5.40
N GLY A 128 -2.94 6.84 6.26
CA GLY A 128 -3.04 7.20 7.66
C GLY A 128 -3.68 8.54 7.92
N ALA A 129 -4.18 9.18 6.87
CA ALA A 129 -4.92 10.43 6.96
C ALA A 129 -6.19 10.28 6.14
N SER A 130 -6.96 11.36 6.06
CA SER A 130 -8.12 11.35 5.18
C SER A 130 -7.67 11.19 3.73
N LEU A 131 -8.57 10.73 2.90
CA LEU A 131 -8.15 10.75 1.50
C LEU A 131 -8.55 12.06 0.84
N PRO A 132 -7.74 12.57 -0.08
CA PRO A 132 -8.14 13.76 -0.84
C PRO A 132 -9.41 13.49 -1.63
N GLU A 133 -10.26 14.52 -1.73
CA GLU A 133 -11.58 14.33 -2.30
C GLU A 133 -11.55 13.86 -3.74
N ALA A 134 -10.48 14.13 -4.48
CA ALA A 134 -10.40 13.67 -5.87
C ALA A 134 -10.40 12.14 -5.93
N GLN A 135 -9.61 11.49 -5.07
CA GLN A 135 -9.65 10.03 -5.00
C GLN A 135 -11.01 9.53 -4.52
N VAL A 136 -11.61 10.25 -3.57
CA VAL A 136 -12.87 9.82 -2.99
C VAL A 136 -13.96 9.77 -4.05
N TRP A 137 -14.09 10.85 -4.84
CA TRP A 137 -15.11 10.88 -5.88
C TRP A 137 -14.94 9.72 -6.86
N GLY A 138 -13.69 9.44 -7.25
CA GLY A 138 -13.46 8.31 -8.14
C GLY A 138 -13.89 6.99 -7.53
N TYR A 139 -13.49 6.76 -6.28
CA TYR A 139 -13.89 5.52 -5.61
C TYR A 139 -15.39 5.47 -5.38
N LEU A 140 -16.01 6.61 -5.08
CA LEU A 140 -17.46 6.64 -4.95
C LEU A 140 -18.13 6.29 -6.27
N ARG A 141 -17.63 6.85 -7.37
CA ARG A 141 -18.26 6.59 -8.66
C ARG A 141 -18.07 5.13 -9.08
N ASP A 142 -16.89 4.56 -8.81
CA ASP A 142 -16.65 3.17 -9.23
C ASP A 142 -17.53 2.22 -8.44
N THR A 143 -17.59 2.39 -7.12
CA THR A 143 -18.42 1.49 -6.32
C THR A 143 -19.90 1.74 -6.57
N LEU A 144 -20.29 2.97 -6.90
CA LEU A 144 -21.68 3.21 -7.27
C LEU A 144 -22.00 2.51 -8.58
N LEU A 145 -21.05 2.49 -9.52
CA LEU A 145 -21.27 1.76 -10.77
C LEU A 145 -21.44 0.27 -10.49
N ALA A 146 -20.63 -0.28 -9.58
CA ALA A 146 -20.79 -1.68 -9.21
C ALA A 146 -22.15 -1.92 -8.60
N LEU A 147 -22.52 -1.10 -7.61
CA LEU A 147 -23.81 -1.29 -6.94
C LEU A 147 -24.98 -1.14 -7.91
N ALA A 148 -24.89 -0.20 -8.85
CA ALA A 148 -25.95 -0.08 -9.84
C ALA A 148 -26.06 -1.33 -10.68
N HIS A 149 -24.92 -1.95 -11.01
CA HIS A 149 -24.94 -3.20 -11.77
C HIS A 149 -25.54 -4.33 -10.96
N LEU A 150 -25.21 -4.40 -9.67
CA LEU A 150 -25.80 -5.42 -8.81
C LEU A 150 -27.30 -5.19 -8.64
N HIS A 151 -27.69 -3.95 -8.36
CA HIS A 151 -29.09 -3.71 -8.04
C HIS A 151 -29.99 -3.89 -9.25
N SER A 152 -29.46 -3.66 -10.47
CA SER A 152 -30.29 -3.86 -11.65
C SER A 152 -30.68 -5.32 -11.84
N GLN A 153 -29.99 -6.26 -11.18
CA GLN A 153 -30.34 -7.66 -11.24
C GLN A 153 -30.91 -8.16 -9.91
N GLY A 154 -31.49 -7.26 -9.12
CA GLY A 154 -32.09 -7.64 -7.86
C GLY A 154 -31.13 -8.29 -6.88
N LEU A 155 -29.85 -7.94 -6.96
CA LEU A 155 -28.83 -8.46 -6.06
C LEU A 155 -28.47 -7.40 -5.04
N VAL A 156 -28.31 -7.80 -3.79
CA VAL A 156 -27.92 -6.91 -2.70
C VAL A 156 -26.63 -7.43 -2.09
N HIS A 157 -25.61 -6.56 -2.04
CA HIS A 157 -24.28 -7.01 -1.63
C HIS A 157 -24.23 -7.32 -0.14
N LEU A 158 -24.70 -6.39 0.70
CA LEU A 158 -24.86 -6.52 2.14
C LEU A 158 -23.56 -6.47 2.90
N ASP A 159 -22.45 -6.13 2.26
CA ASP A 159 -21.16 -6.08 2.94
C ASP A 159 -20.25 -5.03 2.30
N VAL A 160 -20.84 -3.93 1.84
CA VAL A 160 -20.03 -2.85 1.30
C VAL A 160 -19.25 -2.19 2.43
N LYS A 161 -17.93 -2.21 2.33
CA LYS A 161 -17.06 -1.60 3.33
C LYS A 161 -15.66 -1.53 2.75
N PRO A 162 -14.78 -0.70 3.33
CA PRO A 162 -13.43 -0.55 2.78
C PRO A 162 -12.71 -1.87 2.55
N ALA A 163 -12.83 -2.83 3.46
CA ALA A 163 -12.13 -4.10 3.32
C ALA A 163 -12.59 -4.90 2.12
N ASN A 164 -13.76 -4.58 1.57
CA ASN A 164 -14.29 -5.34 0.45
C ASN A 164 -14.27 -4.53 -0.85
N ILE A 165 -13.59 -3.39 -0.86
CA ILE A 165 -13.32 -2.64 -2.08
C ILE A 165 -11.82 -2.73 -2.37
N PHE A 166 -11.47 -3.01 -3.61
CA PHE A 166 -10.08 -3.26 -3.98
C PHE A 166 -9.64 -2.32 -5.10
N LEU A 167 -8.43 -1.79 -4.95
CA LEU A 167 -7.92 -0.79 -5.88
C LEU A 167 -7.62 -1.42 -7.25
N GLY A 168 -7.78 -0.60 -8.28
CA GLY A 168 -7.37 -0.95 -9.62
C GLY A 168 -6.35 0.03 -10.16
N PRO A 169 -5.82 -0.23 -11.34
CA PRO A 169 -4.81 0.68 -11.90
C PRO A 169 -5.41 2.04 -12.20
N ARG A 170 -4.53 3.05 -12.20
CA ARG A 170 -4.88 4.43 -12.52
C ARG A 170 -6.07 4.91 -11.69
N GLY A 171 -6.01 4.64 -10.39
CA GLY A 171 -6.98 5.22 -9.48
C GLY A 171 -8.37 4.63 -9.53
N ARG A 172 -8.57 3.51 -10.20
CA ARG A 172 -9.86 2.84 -10.19
C ARG A 172 -9.97 1.93 -8.96
N CYS A 173 -11.18 1.43 -8.71
CA CYS A 173 -11.35 0.40 -7.70
C CYS A 173 -12.51 -0.50 -8.10
N LYS A 174 -12.55 -1.69 -7.49
CA LYS A 174 -13.51 -2.73 -7.83
C LYS A 174 -14.15 -3.27 -6.57
N LEU A 175 -15.45 -3.52 -6.61
CA LEU A 175 -16.15 -4.10 -5.47
C LEU A 175 -15.94 -5.61 -5.42
N GLY A 176 -15.77 -6.14 -4.22
CA GLY A 176 -15.50 -7.57 -4.09
C GLY A 176 -16.19 -8.24 -2.92
N ASP A 177 -15.65 -9.40 -2.51
CA ASP A 177 -16.18 -10.23 -1.43
C ASP A 177 -17.69 -10.38 -1.51
N PHE A 178 -18.17 -11.31 -2.33
CA PHE A 178 -19.59 -11.53 -2.55
C PHE A 178 -20.13 -12.68 -1.69
N GLY A 179 -19.48 -12.95 -0.57
CA GLY A 179 -19.90 -14.05 0.27
C GLY A 179 -21.24 -13.82 0.95
N LEU A 180 -21.60 -12.56 1.17
CA LEU A 180 -22.86 -12.21 1.83
C LEU A 180 -23.94 -11.79 0.86
N LEU A 181 -23.67 -11.81 -0.44
CA LEU A 181 -24.63 -11.32 -1.41
C LEU A 181 -25.88 -12.21 -1.41
N VAL A 182 -27.05 -11.57 -1.53
CA VAL A 182 -28.31 -12.29 -1.61
C VAL A 182 -29.04 -11.80 -2.86
N GLU A 183 -29.99 -12.61 -3.30
CA GLU A 183 -30.83 -12.30 -4.45
C GLU A 183 -32.26 -12.12 -3.95
N LEU A 184 -32.83 -10.95 -4.22
CA LEU A 184 -34.18 -10.66 -3.76
C LEU A 184 -35.18 -11.56 -4.48
N GLY A 185 -36.08 -12.17 -3.72
CA GLY A 185 -37.07 -13.07 -4.29
C GLY A 185 -37.69 -14.01 -3.27
N GLU A 191 -31.67 -16.99 4.73
CA GLU A 191 -31.07 -16.65 3.45
C GLU A 191 -30.03 -15.54 3.58
N VAL A 192 -30.13 -14.76 4.66
CA VAL A 192 -29.26 -13.62 4.90
C VAL A 192 -28.37 -13.93 6.10
N GLN A 193 -27.15 -13.41 6.06
CA GLN A 193 -26.18 -13.58 7.14
C GLN A 193 -25.89 -12.25 7.81
N GLU A 194 -25.24 -12.35 8.98
CA GLU A 194 -24.90 -11.18 9.78
C GLU A 194 -23.89 -10.31 9.04
N GLY A 195 -24.29 -9.07 8.75
CA GLY A 195 -23.38 -8.10 8.18
C GLY A 195 -22.56 -7.39 9.25
N ASP A 196 -21.68 -6.51 8.80
CA ASP A 196 -20.89 -5.70 9.71
C ASP A 196 -21.76 -4.61 10.31
N PRO A 197 -21.93 -4.55 11.64
CA PRO A 197 -22.82 -3.54 12.21
C PRO A 197 -22.32 -2.12 12.00
N ARG A 198 -21.01 -1.91 11.92
CA ARG A 198 -20.49 -0.56 11.71
C ARG A 198 -21.06 0.07 10.46
N TYR A 199 -21.32 -0.72 9.42
CA TYR A 199 -21.80 -0.23 8.14
C TYR A 199 -23.26 -0.59 7.90
N MET A 200 -23.96 -1.07 8.93
CA MET A 200 -25.31 -1.57 8.75
C MET A 200 -26.29 -0.44 8.52
N ALA A 201 -27.18 -0.62 7.54
CA ALA A 201 -28.27 0.32 7.34
C ALA A 201 -29.30 0.16 8.46
N PRO A 202 -29.94 1.25 8.91
CA PRO A 202 -30.84 1.12 10.07
C PRO A 202 -31.99 0.16 9.83
N GLU A 203 -32.55 0.11 8.62
CA GLU A 203 -33.70 -0.73 8.39
C GLU A 203 -33.36 -2.22 8.48
N LEU A 204 -32.08 -2.60 8.34
CA LEU A 204 -31.72 -4.00 8.50
C LEU A 204 -32.02 -4.50 9.91
N LEU A 205 -32.02 -3.61 10.89
CA LEU A 205 -32.29 -4.01 12.26
C LEU A 205 -33.72 -4.51 12.43
N GLN A 206 -34.65 -4.02 11.62
CA GLN A 206 -36.05 -4.45 11.70
C GLN A 206 -36.46 -5.32 10.51
N GLY A 207 -35.52 -6.10 9.98
CA GLY A 207 -35.85 -7.11 9.00
C GLY A 207 -36.19 -6.60 7.61
N SER A 208 -35.90 -5.34 7.30
CA SER A 208 -36.19 -4.76 5.99
C SER A 208 -34.93 -4.85 5.14
N TYR A 209 -34.90 -5.82 4.22
CA TYR A 209 -33.74 -6.04 3.36
C TYR A 209 -34.08 -5.61 1.95
N GLY A 210 -33.14 -4.94 1.30
CA GLY A 210 -33.38 -4.39 -0.03
C GLY A 210 -32.13 -3.69 -0.52
N THR A 211 -32.19 -3.26 -1.77
CA THR A 211 -31.02 -2.63 -2.38
C THR A 211 -30.66 -1.32 -1.70
N ALA A 212 -31.62 -0.67 -1.05
CA ALA A 212 -31.33 0.57 -0.33
C ALA A 212 -30.20 0.35 0.68
N ALA A 213 -30.11 -0.84 1.27
CA ALA A 213 -29.13 -1.09 2.32
C ALA A 213 -27.70 -0.88 1.82
N ASP A 214 -27.44 -1.25 0.56
CA ASP A 214 -26.10 -1.07 0.00
C ASP A 214 -25.73 0.40 -0.13
N VAL A 215 -26.70 1.25 -0.42
CA VAL A 215 -26.42 2.68 -0.57
C VAL A 215 -25.98 3.27 0.78
N PHE A 216 -26.66 2.89 1.86
CA PHE A 216 -26.26 3.38 3.18
C PHE A 216 -24.85 2.92 3.53
N SER A 217 -24.53 1.66 3.24
CA SER A 217 -23.22 1.13 3.58
C SER A 217 -22.11 1.87 2.83
N LEU A 218 -22.36 2.25 1.58
CA LEU A 218 -21.36 3.01 0.84
C LEU A 218 -21.17 4.40 1.44
N GLY A 219 -22.27 5.06 1.83
CA GLY A 219 -22.14 6.37 2.44
C GLY A 219 -21.30 6.36 3.69
N LEU A 220 -21.49 5.36 4.54
CA LEU A 220 -20.64 5.23 5.71
C LEU A 220 -19.21 4.87 5.31
N THR A 221 -19.05 4.06 4.26
CA THR A 221 -17.73 3.76 3.74
C THR A 221 -17.01 5.03 3.34
N ILE A 222 -17.71 5.89 2.59
CA ILE A 222 -17.12 7.15 2.12
C ILE A 222 -16.91 8.10 3.29
N LEU A 223 -17.84 8.12 4.24
CA LEU A 223 -17.67 8.97 5.40
C LEU A 223 -16.42 8.58 6.18
N GLU A 224 -16.07 7.29 6.17
CA GLU A 224 -14.92 6.82 6.94
C GLU A 224 -13.61 7.15 6.25
N VAL A 225 -13.53 6.96 4.94
CA VAL A 225 -12.26 7.17 4.26
C VAL A 225 -11.99 8.65 4.04
N ALA A 226 -13.04 9.46 3.84
CA ALA A 226 -12.87 10.89 3.62
C ALA A 226 -12.71 11.68 4.90
N CYS A 227 -13.04 11.10 6.06
CA CYS A 227 -12.89 11.78 7.33
C CYS A 227 -11.92 11.09 8.27
N ASN A 228 -11.42 9.92 7.92
CA ASN A 228 -10.46 9.18 8.73
C ASN A 228 -11.01 8.90 10.13
N MET A 229 -12.31 8.67 10.23
CA MET A 229 -12.97 8.41 11.50
C MET A 229 -13.38 6.95 11.56
N GLU A 230 -13.31 6.36 12.74
CA GLU A 230 -13.67 4.97 12.93
C GLU A 230 -15.14 4.84 13.29
N LEU A 231 -15.80 3.89 12.67
CA LEU A 231 -17.24 3.80 12.84
C LEU A 231 -17.57 3.05 14.12
N PRO A 232 -18.62 3.45 14.83
CA PRO A 232 -18.99 2.77 16.08
C PRO A 232 -19.72 1.45 15.83
N HIS A 233 -19.33 0.44 16.61
CA HIS A 233 -19.98 -0.87 16.51
C HIS A 233 -21.40 -0.84 17.05
N GLY A 234 -21.70 0.10 17.94
CA GLY A 234 -23.02 0.15 18.54
C GLY A 234 -23.09 1.29 19.52
N GLY A 235 -24.22 1.37 20.22
CA GLY A 235 -24.37 2.36 21.26
C GLY A 235 -24.68 3.75 20.73
N GLU A 236 -24.25 4.75 21.50
CA GLU A 236 -24.68 6.13 21.27
C GLU A 236 -24.24 6.65 19.91
N GLY A 237 -22.95 6.51 19.59
CA GLY A 237 -22.46 6.99 18.31
C GLY A 237 -23.12 6.30 17.12
N TRP A 238 -23.38 5.00 17.26
CA TRP A 238 -24.07 4.25 16.21
C TRP A 238 -25.41 4.91 15.86
N GLN A 239 -26.16 5.35 16.88
CA GLN A 239 -27.44 5.98 16.63
C GLN A 239 -27.27 7.35 15.97
N GLN A 240 -26.19 8.07 16.28
CA GLN A 240 -25.99 9.41 15.73
C GLN A 240 -25.90 9.38 14.21
N LEU A 241 -25.12 8.44 13.66
CA LEU A 241 -24.93 8.32 12.22
C LEU A 241 -26.18 7.84 11.48
N ARG A 242 -27.29 7.61 12.19
CA ARG A 242 -28.47 7.05 11.57
C ARG A 242 -29.72 7.88 11.87
N GLN A 243 -29.54 9.16 12.19
CA GLN A 243 -30.64 10.10 12.39
C GLN A 243 -30.78 11.09 11.24
N GLY A 244 -29.92 11.02 10.24
CA GLY A 244 -30.02 11.90 9.09
C GLY A 244 -29.17 13.16 9.15
N TYR A 245 -28.30 13.30 10.15
CA TYR A 245 -27.33 14.38 10.19
C TYR A 245 -25.93 13.80 10.23
N LEU A 246 -25.06 14.33 9.38
CA LEU A 246 -23.66 13.93 9.43
C LEU A 246 -23.03 14.44 10.73
N PRO A 247 -22.03 13.74 11.25
CA PRO A 247 -21.38 14.19 12.50
C PRO A 247 -20.70 15.53 12.30
N PRO A 248 -20.94 16.48 13.19
CA PRO A 248 -20.51 17.86 12.91
C PRO A 248 -19.01 18.04 12.84
N GLU A 249 -18.25 17.31 13.67
CA GLU A 249 -16.81 17.47 13.69
C GLU A 249 -16.19 17.02 12.38
N PHE A 250 -16.55 15.83 11.93
CA PHE A 250 -15.88 15.22 10.79
C PHE A 250 -16.35 15.81 9.46
N THR A 251 -17.58 16.30 9.41
CA THR A 251 -18.17 16.77 8.15
C THR A 251 -17.53 18.05 7.64
N ALA A 252 -16.83 18.80 8.49
CA ALA A 252 -16.44 20.17 8.13
C ALA A 252 -15.47 20.20 6.96
N GLY A 253 -14.53 19.26 6.90
CA GLY A 253 -13.55 19.26 5.83
C GLY A 253 -14.16 19.01 4.47
N LEU A 254 -15.21 18.20 4.41
CA LEU A 254 -15.85 17.83 3.15
C LEU A 254 -16.40 19.07 2.43
N SER A 255 -16.55 18.93 1.11
CA SER A 255 -17.17 19.97 0.30
C SER A 255 -18.70 19.92 0.44
N SER A 256 -19.36 21.00 0.03
CA SER A 256 -20.81 21.06 0.12
C SER A 256 -21.45 19.97 -0.73
N GLU A 257 -20.91 19.73 -1.93
CA GLU A 257 -21.44 18.69 -2.80
C GLU A 257 -21.29 17.31 -2.16
N LEU A 258 -20.10 17.00 -1.62
CA LEU A 258 -19.90 15.73 -0.96
C LEU A 258 -20.80 15.60 0.26
N ARG A 259 -20.82 16.63 1.11
CA ARG A 259 -21.73 16.62 2.26
C ARG A 259 -23.17 16.42 1.80
N SER A 260 -23.55 17.04 0.68
CA SER A 260 -24.89 16.88 0.14
C SER A 260 -25.17 15.45 -0.29
N VAL A 261 -24.22 14.81 -0.97
CA VAL A 261 -24.46 13.46 -1.46
C VAL A 261 -24.46 12.46 -0.31
N LEU A 262 -23.57 12.66 0.67
CA LEU A 262 -23.57 11.78 1.86
C LEU A 262 -24.89 11.85 2.60
N VAL A 263 -25.47 13.06 2.71
CA VAL A 263 -26.78 13.18 3.34
C VAL A 263 -27.83 12.40 2.57
N MET A 264 -27.78 12.46 1.24
CA MET A 264 -28.69 11.67 0.42
C MET A 264 -28.52 10.17 0.65
N MET A 265 -27.28 9.70 0.68
CA MET A 265 -27.03 8.28 0.88
C MET A 265 -27.38 7.82 2.29
N LEU A 266 -27.20 8.70 3.27
CA LEU A 266 -27.39 8.36 4.67
C LEU A 266 -28.79 8.69 5.17
N GLU A 267 -29.75 8.83 4.28
CA GLU A 267 -31.14 9.06 4.66
C GLU A 267 -31.67 7.85 5.43
N PRO A 268 -32.17 8.03 6.66
CA PRO A 268 -32.56 6.86 7.46
C PRO A 268 -33.66 6.01 6.85
N ASP A 269 -34.54 6.59 6.04
CA ASP A 269 -35.68 5.86 5.51
C ASP A 269 -35.34 5.24 4.17
N PRO A 270 -35.36 3.91 4.04
CA PRO A 270 -35.04 3.30 2.74
C PRO A 270 -36.00 3.67 1.64
N LYS A 271 -37.25 4.03 1.98
CA LYS A 271 -38.20 4.41 0.95
C LYS A 271 -37.82 5.74 0.29
N LEU A 272 -37.12 6.60 1.01
CA LEU A 272 -36.72 7.91 0.52
C LEU A 272 -35.25 7.98 0.14
N ARG A 273 -34.47 6.94 0.43
CA ARG A 273 -33.04 6.96 0.17
C ARG A 273 -32.77 6.92 -1.33
N ALA A 274 -31.88 7.81 -1.80
CA ALA A 274 -31.46 7.81 -3.18
C ALA A 274 -30.96 6.43 -3.61
N THR A 275 -31.26 6.06 -4.84
CA THR A 275 -30.73 4.82 -5.38
C THR A 275 -29.41 5.07 -6.10
N ALA A 276 -28.65 3.99 -6.30
CA ALA A 276 -27.36 4.12 -6.99
C ALA A 276 -27.53 4.69 -8.39
N GLU A 277 -28.61 4.33 -9.07
CA GLU A 277 -28.90 4.92 -10.38
C GLU A 277 -29.20 6.40 -10.25
N ALA A 278 -29.98 6.78 -9.23
CA ALA A 278 -30.28 8.20 -9.01
C ALA A 278 -29.02 8.99 -8.71
N LEU A 279 -28.14 8.43 -7.86
CA LEU A 279 -26.89 9.10 -7.55
C LEU A 279 -26.03 9.29 -8.79
N LEU A 280 -25.77 8.21 -9.53
CA LEU A 280 -24.94 8.30 -10.72
C LEU A 280 -25.51 9.26 -11.76
N ALA A 281 -26.78 9.65 -11.63
CA ALA A 281 -27.41 10.59 -12.54
C ALA A 281 -27.33 12.03 -12.05
N LEU A 282 -26.67 12.28 -10.92
CA LEU A 282 -26.50 13.64 -10.42
C LEU A 282 -25.40 14.35 -11.19
N PRO A 283 -25.41 15.70 -11.19
CA PRO A 283 -24.34 16.44 -11.87
C PRO A 283 -22.95 16.17 -11.32
N VAL A 284 -22.79 16.15 -9.99
CA VAL A 284 -21.46 16.03 -9.40
C VAL A 284 -20.83 14.68 -9.72
N LEU A 285 -21.64 13.67 -9.99
CA LEU A 285 -21.15 12.33 -10.33
C LEU A 285 -21.18 12.12 -11.84
N ARG A 286 -20.50 13.00 -12.56
CA ARG A 286 -20.36 12.90 -13.99
C ARG A 286 -19.15 12.04 -14.37
N GLN A 287 -19.04 11.74 -15.66
CA GLN A 287 -17.98 10.88 -16.18
C GLN A 287 -16.59 11.42 -15.83
N LEU B 3 17.02 -7.37 32.11
CA LEU B 3 17.22 -6.82 30.77
C LEU B 3 16.37 -5.58 30.57
N GLN B 4 16.95 -4.50 30.05
CA GLN B 4 16.24 -3.25 29.89
C GLN B 4 16.91 -2.46 28.78
N PRO B 5 16.20 -1.48 28.18
CA PRO B 5 16.73 -0.82 26.99
C PRO B 5 17.88 0.12 27.31
N ARG B 6 18.57 0.50 26.24
CA ARG B 6 19.72 1.40 26.31
C ARG B 6 19.65 2.31 25.09
N ARG B 7 19.60 3.62 25.29
CA ARG B 7 19.46 4.53 24.16
C ARG B 7 20.73 4.51 23.31
N VAL B 8 20.54 4.61 21.99
CA VAL B 8 21.64 4.69 21.04
C VAL B 8 21.68 6.09 20.49
N SER B 9 22.80 6.78 20.69
CA SER B 9 23.02 8.07 20.08
C SER B 9 24.51 8.26 19.86
N PHE B 10 24.83 9.07 18.86
CA PHE B 10 26.19 9.54 18.63
C PHE B 10 26.31 11.01 19.03
N ARG B 11 25.58 11.40 20.08
CA ARG B 11 25.55 12.74 20.66
C ARG B 11 24.89 13.76 19.72
N GLY B 12 23.79 13.34 19.10
CA GLY B 12 22.98 14.22 18.27
C GLY B 12 21.51 13.91 18.38
N GLN B 19 14.51 7.81 28.28
CA GLN B 19 13.53 6.76 28.07
C GLN B 19 12.17 7.11 28.67
N SER B 20 11.13 6.40 28.23
CA SER B 20 9.77 6.74 28.58
C SER B 20 9.55 6.66 30.09
N PRO B 21 8.73 7.54 30.66
CA PRO B 21 8.55 7.54 32.12
C PRO B 21 7.58 6.47 32.63
N GLY B 22 6.65 5.99 31.80
CA GLY B 22 5.71 4.98 32.27
C GLY B 22 6.27 3.58 32.34
N TYR B 23 7.18 3.24 31.44
CA TYR B 23 7.79 1.90 31.41
C TYR B 23 8.47 1.58 32.74
N ASP B 24 8.09 0.45 33.32
CA ASP B 24 8.70 -0.04 34.55
C ASP B 24 9.49 -1.31 34.26
N PRO B 25 10.76 -1.38 34.67
CA PRO B 25 11.61 -2.52 34.28
C PRO B 25 11.36 -3.76 35.13
N SER B 26 10.10 -4.22 35.17
CA SER B 26 9.73 -5.39 35.97
C SER B 26 9.09 -6.48 35.13
N ARG B 27 7.95 -6.22 34.50
CA ARG B 27 7.34 -7.22 33.63
C ARG B 27 8.31 -7.59 32.51
N PRO B 28 8.33 -8.85 32.07
CA PRO B 28 9.36 -9.28 31.12
C PRO B 28 9.23 -8.65 29.74
N GLU B 29 8.11 -8.01 29.42
CA GLU B 29 7.92 -7.45 28.09
C GLU B 29 8.96 -6.36 27.81
N SER B 30 9.37 -6.28 26.54
CA SER B 30 10.37 -5.30 26.13
C SER B 30 9.84 -3.88 26.30
N PHE B 31 10.77 -2.92 26.34
CA PHE B 31 10.40 -1.51 26.32
C PHE B 31 9.52 -1.18 25.12
N PHE B 32 9.76 -1.85 23.99
CA PHE B 32 8.92 -1.66 22.81
C PHE B 32 7.49 -2.10 23.09
N GLN B 33 7.31 -3.26 23.73
CA GLN B 33 5.98 -3.79 23.97
C GLN B 33 5.23 -2.99 25.04
N GLN B 34 5.94 -2.28 25.91
CA GLN B 34 5.30 -1.57 27.01
C GLN B 34 4.98 -0.12 26.69
N SER B 35 5.68 0.50 25.73
CA SER B 35 5.60 1.93 25.52
C SER B 35 5.03 2.32 24.17
N PHE B 36 4.41 1.39 23.46
CA PHE B 36 3.84 1.68 22.15
C PHE B 36 2.59 0.84 21.92
N GLN B 37 1.57 1.46 21.35
CA GLN B 37 0.45 0.72 20.77
C GLN B 37 0.87 0.24 19.37
N ARG B 38 0.80 -1.07 19.15
CA ARG B 38 1.14 -1.64 17.85
C ARG B 38 -0.12 -1.61 16.98
N LEU B 39 -0.10 -0.77 15.95
CA LEU B 39 -1.29 -0.60 15.09
C LEU B 39 -1.28 -1.56 13.91
N SER B 40 -0.19 -1.59 13.15
CA SER B 40 -0.09 -2.50 12.01
C SER B 40 1.37 -2.64 11.62
N ARG B 41 1.68 -3.75 10.97
CA ARG B 41 3.01 -4.00 10.45
C ARG B 41 3.11 -3.36 9.07
N LEU B 42 4.10 -2.48 8.89
CA LEU B 42 4.31 -1.85 7.60
C LEU B 42 5.04 -2.76 6.63
N GLY B 43 5.92 -3.61 7.14
CA GLY B 43 6.63 -4.55 6.29
C GLY B 43 7.66 -5.31 7.08
N HIS B 44 8.20 -6.34 6.44
CA HIS B 44 9.16 -7.23 7.08
C HIS B 44 10.08 -7.82 6.02
N GLY B 45 11.33 -8.02 6.40
CA GLY B 45 12.30 -8.65 5.54
C GLY B 45 13.48 -9.18 6.34
N SER B 46 14.62 -9.32 5.66
CA SER B 46 15.83 -9.80 6.33
C SER B 46 16.33 -8.81 7.38
N TYR B 47 16.18 -7.51 7.11
CA TYR B 47 16.54 -6.49 8.10
C TYR B 47 15.78 -6.69 9.41
N GLY B 48 14.49 -7.00 9.32
CA GLY B 48 13.65 -7.13 10.49
C GLY B 48 12.20 -6.84 10.20
N GLU B 49 11.56 -6.03 11.05
CA GLU B 49 10.17 -5.68 10.91
C GLU B 49 10.00 -4.17 11.07
N VAL B 50 9.05 -3.61 10.33
CA VAL B 50 8.69 -2.19 10.44
C VAL B 50 7.23 -2.12 10.86
N PHE B 51 6.97 -1.47 12.00
CA PHE B 51 5.63 -1.40 12.58
C PHE B 51 5.13 0.04 12.59
N LYS B 52 3.84 0.20 12.34
CA LYS B 52 3.14 1.46 12.57
C LYS B 52 2.63 1.46 14.00
N VAL B 53 3.08 2.44 14.80
CA VAL B 53 2.79 2.48 16.23
C VAL B 53 2.26 3.86 16.60
N ARG B 54 1.56 3.90 17.74
CA ARG B 54 1.20 5.15 18.41
C ARG B 54 1.91 5.20 19.76
N SER B 55 2.56 6.33 20.03
CA SER B 55 3.34 6.49 21.25
C SER B 55 2.42 6.47 22.46
N LYS B 56 2.72 5.60 23.42
CA LYS B 56 1.91 5.58 24.65
C LYS B 56 2.20 6.81 25.51
N GLU B 57 3.43 7.33 25.50
CA GLU B 57 3.73 8.48 26.34
C GLU B 57 3.26 9.78 25.71
N ASP B 58 3.28 9.87 24.39
CA ASP B 58 3.06 11.12 23.66
C ASP B 58 1.73 11.15 22.93
N GLY B 59 1.26 10.03 22.39
CA GLY B 59 0.01 9.97 21.68
C GLY B 59 0.13 10.08 20.17
N ARG B 60 1.24 10.61 19.67
CA ARG B 60 1.42 10.79 18.23
C ARG B 60 1.70 9.46 17.53
N LEU B 61 1.98 9.52 16.24
CA LEU B 61 2.12 8.35 15.39
C LEU B 61 3.56 8.24 14.89
N TYR B 62 4.14 7.06 15.03
CA TYR B 62 5.51 6.84 14.59
C TYR B 62 5.60 5.49 13.89
N ALA B 63 6.71 5.30 13.19
CA ALA B 63 7.08 4.02 12.61
C ALA B 63 8.32 3.51 13.32
N VAL B 64 8.29 2.26 13.77
CA VAL B 64 9.42 1.68 14.48
C VAL B 64 9.91 0.47 13.71
N LYS B 65 11.21 0.45 13.43
CA LYS B 65 11.87 -0.66 12.76
C LYS B 65 12.66 -1.45 13.79
N ARG B 66 12.37 -2.74 13.89
CA ARG B 66 13.05 -3.66 14.80
C ARG B 66 13.90 -4.63 13.98
N SER B 67 15.16 -4.80 14.36
CA SER B 67 16.01 -5.74 13.62
C SER B 67 15.58 -7.17 13.93
N MET B 68 15.85 -8.06 12.99
CA MET B 68 15.30 -9.42 13.08
C MET B 68 16.02 -10.26 14.12
N SER B 69 17.34 -10.40 13.97
CA SER B 69 18.15 -11.30 14.78
C SER B 69 19.03 -10.50 15.74
N PRO B 70 19.30 -11.04 16.94
CA PRO B 70 20.23 -10.36 17.85
C PRO B 70 21.59 -10.18 17.23
N PHE B 71 22.40 -9.36 17.89
CA PHE B 71 23.72 -9.03 17.37
C PHE B 71 24.60 -10.27 17.30
N ARG B 72 25.10 -10.57 16.11
CA ARG B 72 25.93 -11.75 15.92
C ARG B 72 27.33 -11.57 16.48
N GLY B 73 27.79 -10.32 16.59
CA GLY B 73 29.13 -10.02 17.02
C GLY B 73 29.31 -8.51 17.01
N PRO B 74 30.46 -8.02 17.46
CA PRO B 74 30.64 -6.56 17.51
C PRO B 74 30.61 -5.90 16.13
N LYS B 75 31.12 -6.57 15.10
CA LYS B 75 31.00 -6.01 13.74
C LYS B 75 29.54 -5.93 13.31
N ASP B 76 28.76 -6.96 13.59
CA ASP B 76 27.33 -6.91 13.28
C ASP B 76 26.67 -5.75 14.00
N ARG B 77 26.97 -5.61 15.29
CA ARG B 77 26.38 -4.52 16.08
C ARG B 77 26.80 -3.17 15.53
N ALA B 78 28.10 -3.00 15.25
CA ALA B 78 28.58 -1.72 14.73
C ALA B 78 27.97 -1.39 13.38
N ARG B 79 27.71 -2.41 12.56
CA ARG B 79 27.09 -2.18 11.25
C ARG B 79 25.66 -1.71 11.41
N LYS B 80 24.91 -2.33 12.34
CA LYS B 80 23.51 -1.98 12.54
C LYS B 80 23.36 -0.63 13.23
N LEU B 81 24.17 -0.37 14.26
CA LEU B 81 24.11 0.93 14.94
C LEU B 81 24.52 2.08 14.03
N ALA B 82 25.28 1.82 12.97
CA ALA B 82 25.73 2.91 12.10
C ALA B 82 24.54 3.63 11.46
N GLU B 83 23.41 2.95 11.28
CA GLU B 83 22.24 3.60 10.70
C GLU B 83 21.77 4.77 11.56
N VAL B 84 21.88 4.62 12.89
CA VAL B 84 21.53 5.72 13.77
C VAL B 84 22.51 6.87 13.60
N GLY B 85 23.78 6.57 13.35
CA GLY B 85 24.75 7.62 13.12
C GLY B 85 24.47 8.40 11.85
N SER B 86 24.00 7.72 10.80
CA SER B 86 23.73 8.39 9.54
C SER B 86 22.52 9.30 9.63
N HIS B 87 21.48 8.87 10.34
CA HIS B 87 20.32 9.72 10.57
C HIS B 87 20.69 10.99 11.33
N GLU B 88 21.72 10.92 12.17
CA GLU B 88 22.13 12.08 12.94
C GLU B 88 23.02 13.02 12.15
N LYS B 89 23.76 12.51 11.16
CA LYS B 89 24.52 13.36 10.26
C LYS B 89 23.64 14.09 9.26
N VAL B 90 22.45 13.55 8.98
CA VAL B 90 21.49 14.22 8.12
C VAL B 90 20.72 15.29 8.89
N GLY B 91 20.33 14.98 10.12
CA GLY B 91 19.57 15.93 10.88
C GLY B 91 18.16 16.07 10.34
N GLN B 92 17.55 17.22 10.66
CA GLN B 92 16.17 17.50 10.30
C GLN B 92 16.12 18.31 9.02
N HIS B 93 15.42 17.78 8.02
CA HIS B 93 15.23 18.48 6.77
C HIS B 93 13.87 18.06 6.26
N PRO B 94 13.08 18.98 5.69
CA PRO B 94 11.70 18.64 5.32
C PRO B 94 11.57 17.51 4.32
N CYS B 95 12.64 17.10 3.65
CA CYS B 95 12.55 16.04 2.65
C CYS B 95 13.30 14.78 3.05
N CYS B 96 13.72 14.67 4.31
CA CYS B 96 14.35 13.45 4.81
C CYS B 96 13.55 12.92 6.00
N VAL B 97 13.40 11.59 6.06
CA VAL B 97 12.68 10.98 7.17
C VAL B 97 13.38 11.33 8.48
N ARG B 98 12.62 11.85 9.44
CA ARG B 98 13.18 12.30 10.70
C ARG B 98 13.18 11.16 11.73
N LEU B 99 14.33 10.93 12.36
CA LEU B 99 14.46 9.92 13.40
C LEU B 99 14.21 10.57 14.76
N GLU B 100 13.25 10.03 15.51
CA GLU B 100 12.91 10.51 16.84
C GLU B 100 13.81 9.90 17.92
N GLN B 101 14.01 8.59 17.88
CA GLN B 101 14.71 7.89 18.94
C GLN B 101 15.21 6.55 18.41
N ALA B 102 16.24 6.04 19.08
CA ALA B 102 16.73 4.70 18.79
C ALA B 102 17.23 4.09 20.10
N TRP B 103 17.12 2.77 20.20
CA TRP B 103 17.58 2.08 21.40
C TRP B 103 17.84 0.62 21.07
N GLU B 104 18.56 -0.05 21.96
CA GLU B 104 18.85 -1.46 21.82
C GLU B 104 18.41 -2.18 23.09
N GLU B 105 17.81 -3.36 22.91
CA GLU B 105 17.41 -4.19 24.04
C GLU B 105 17.52 -5.64 23.63
N GLY B 106 18.24 -6.43 24.43
CA GLY B 106 18.42 -7.84 24.13
C GLY B 106 19.13 -8.12 22.83
N GLY B 107 20.00 -7.22 22.38
CA GLY B 107 20.68 -7.39 21.12
C GLY B 107 19.87 -7.00 19.90
N ILE B 108 18.66 -6.50 20.09
CA ILE B 108 17.81 -6.01 19.00
C ILE B 108 17.93 -4.49 18.95
N LEU B 109 17.92 -3.94 17.73
CA LEU B 109 18.04 -2.50 17.52
C LEU B 109 16.71 -1.94 17.04
N TYR B 110 16.15 -1.00 17.81
CA TYR B 110 14.90 -0.33 17.47
C TYR B 110 15.17 1.10 16.98
N LEU B 111 14.54 1.47 15.87
CA LEU B 111 14.60 2.83 15.33
C LEU B 111 13.19 3.38 15.23
N GLN B 112 12.93 4.50 15.90
CA GLN B 112 11.64 5.18 15.86
C GLN B 112 11.74 6.41 14.98
N THR B 113 10.95 6.46 13.91
CA THR B 113 10.94 7.60 13.01
C THR B 113 9.54 8.18 12.91
N GLU B 114 9.45 9.35 12.27
CA GLU B 114 8.15 9.90 11.95
C GLU B 114 7.44 8.97 10.99
N LEU B 115 6.12 8.96 11.07
CA LEU B 115 5.33 8.13 10.17
C LEU B 115 5.11 8.89 8.86
N CYS B 116 5.52 8.29 7.75
CA CYS B 116 5.24 8.82 6.43
C CYS B 116 4.14 7.99 5.77
N GLY B 117 3.86 8.26 4.51
CA GLY B 117 2.91 7.47 3.76
C GLY B 117 3.58 6.25 3.17
N PRO B 118 3.00 5.72 2.09
CA PRO B 118 3.60 4.55 1.43
C PRO B 118 4.88 4.92 0.71
N SER B 119 5.68 3.90 0.45
CA SER B 119 6.87 4.11 -0.36
C SER B 119 6.48 4.36 -1.80
N LEU B 120 7.39 4.97 -2.54
CA LEU B 120 7.15 5.22 -3.95
C LEU B 120 7.03 3.91 -4.72
N GLN B 121 7.66 2.84 -4.23
CA GLN B 121 7.49 1.53 -4.85
C GLN B 121 6.05 1.06 -4.74
N GLN B 122 5.49 1.13 -3.54
CA GLN B 122 4.11 0.70 -3.33
C GLN B 122 3.15 1.54 -4.16
N HIS B 123 3.32 2.85 -4.13
CA HIS B 123 2.45 3.75 -4.89
C HIS B 123 2.44 3.38 -6.38
N CYS B 124 3.62 3.21 -6.97
CA CYS B 124 3.69 2.85 -8.38
C CYS B 124 3.05 1.50 -8.63
N GLU B 125 3.37 0.53 -7.79
CA GLU B 125 2.84 -0.81 -7.97
C GLU B 125 1.31 -0.82 -7.93
N ALA B 126 0.70 0.06 -7.12
CA ALA B 126 -0.76 0.15 -7.11
C ALA B 126 -1.30 1.02 -8.24
N TRP B 127 -0.51 1.95 -8.75
CA TRP B 127 -0.95 2.72 -9.91
C TRP B 127 -1.01 1.84 -11.15
N GLY B 128 -0.12 0.85 -11.24
CA GLY B 128 -0.15 -0.10 -12.33
C GLY B 128 0.12 0.48 -13.69
N ALA B 129 0.81 1.61 -13.77
CA ALA B 129 1.12 2.24 -15.03
C ALA B 129 2.21 3.27 -14.77
N SER B 130 2.63 3.95 -15.83
CA SER B 130 3.54 5.06 -15.64
C SER B 130 2.85 6.13 -14.80
N LEU B 131 3.61 6.75 -13.91
CA LEU B 131 3.06 7.84 -13.12
C LEU B 131 2.77 9.04 -14.02
N PRO B 132 1.67 9.76 -13.80
CA PRO B 132 1.48 11.03 -14.51
C PRO B 132 2.63 11.97 -14.22
N GLU B 133 3.07 12.68 -15.25
CA GLU B 133 4.33 13.41 -15.19
C GLU B 133 4.28 14.57 -14.20
N ALA B 134 3.08 15.03 -13.84
CA ALA B 134 2.98 16.07 -12.81
C ALA B 134 3.51 15.56 -11.48
N GLN B 135 3.17 14.32 -11.12
CA GLN B 135 3.68 13.76 -9.87
C GLN B 135 5.20 13.59 -9.93
N VAL B 136 5.69 13.03 -11.03
CA VAL B 136 7.12 12.75 -11.19
C VAL B 136 7.95 14.00 -10.89
N TRP B 137 7.51 15.17 -11.37
CA TRP B 137 8.27 16.39 -11.16
C TRP B 137 8.32 16.76 -9.68
N GLY B 138 7.22 16.57 -8.96
CA GLY B 138 7.25 16.83 -7.53
C GLY B 138 8.21 15.91 -6.80
N TYR B 139 8.12 14.60 -7.07
CA TYR B 139 8.98 13.64 -6.39
C TYR B 139 10.44 13.85 -6.77
N LEU B 140 10.70 14.24 -8.03
CA LEU B 140 12.07 14.55 -8.41
C LEU B 140 12.58 15.77 -7.66
N ARG B 141 11.73 16.81 -7.54
CA ARG B 141 12.20 18.02 -6.88
C ARG B 141 12.43 17.78 -5.39
N ASP B 142 11.56 17.02 -4.74
CA ASP B 142 11.73 16.81 -3.31
C ASP B 142 12.91 15.90 -3.02
N THR B 143 13.07 14.83 -3.80
CA THR B 143 14.24 13.99 -3.60
C THR B 143 15.52 14.73 -3.95
N LEU B 144 15.47 15.65 -4.93
CA LEU B 144 16.63 16.48 -5.24
C LEU B 144 16.96 17.40 -4.08
N LEU B 145 15.94 17.94 -3.39
CA LEU B 145 16.21 18.76 -2.21
C LEU B 145 16.89 17.95 -1.12
N ALA B 146 16.46 16.70 -0.92
CA ALA B 146 17.09 15.84 0.06
C ALA B 146 18.55 15.58 -0.31
N LEU B 147 18.79 15.13 -1.54
CA LEU B 147 20.16 14.85 -1.97
C LEU B 147 21.03 16.09 -1.87
N ALA B 148 20.52 17.25 -2.31
CA ALA B 148 21.28 18.48 -2.18
C ALA B 148 21.60 18.80 -0.72
N HIS B 149 20.68 18.46 0.18
CA HIS B 149 20.97 18.63 1.61
C HIS B 149 22.04 17.64 2.07
N LEU B 150 21.89 16.38 1.67
CA LEU B 150 22.88 15.37 2.03
C LEU B 150 24.25 15.70 1.44
N HIS B 151 24.28 16.14 0.19
CA HIS B 151 25.57 16.35 -0.47
C HIS B 151 26.27 17.61 0.01
N SER B 152 25.53 18.58 0.57
CA SER B 152 26.18 19.76 1.13
C SER B 152 26.99 19.45 2.36
N GLN B 153 26.80 18.27 2.96
CA GLN B 153 27.54 17.87 4.14
C GLN B 153 28.48 16.69 3.88
N GLY B 154 28.72 16.37 2.61
CA GLY B 154 29.64 15.28 2.29
C GLY B 154 29.11 13.92 2.60
N LEU B 155 27.79 13.72 2.47
CA LEU B 155 27.14 12.44 2.68
C LEU B 155 26.62 11.93 1.34
N VAL B 156 26.77 10.64 1.12
CA VAL B 156 26.28 9.96 -0.09
C VAL B 156 25.30 8.88 0.35
N HIS B 157 24.05 8.97 -0.13
CA HIS B 157 23.03 8.01 0.30
C HIS B 157 23.39 6.61 -0.14
N LEU B 158 23.76 6.44 -1.42
CA LEU B 158 24.15 5.17 -2.02
C LEU B 158 23.01 4.16 -2.12
N ASP B 159 21.77 4.54 -1.80
CA ASP B 159 20.66 3.59 -1.92
C ASP B 159 19.39 4.35 -2.29
N VAL B 160 19.50 5.27 -3.25
CA VAL B 160 18.35 5.99 -3.76
C VAL B 160 17.59 5.08 -4.72
N LYS B 161 16.32 4.85 -4.42
CA LYS B 161 15.46 3.95 -5.19
C LYS B 161 14.05 4.09 -4.67
N PRO B 162 13.05 3.64 -5.44
CA PRO B 162 11.66 3.89 -5.03
C PRO B 162 11.30 3.29 -3.68
N ALA B 163 11.96 2.21 -3.27
CA ALA B 163 11.68 1.60 -1.98
C ALA B 163 12.10 2.47 -0.81
N ASN B 164 13.02 3.42 -1.03
CA ASN B 164 13.56 4.27 0.01
C ASN B 164 13.08 5.71 -0.10
N ILE B 165 12.01 5.93 -0.86
CA ILE B 165 11.36 7.23 -0.98
C ILE B 165 9.94 7.05 -0.49
N PHE B 166 9.50 7.92 0.41
CA PHE B 166 8.23 7.75 1.09
C PHE B 166 7.35 8.97 0.90
N LEU B 167 6.11 8.74 0.48
CA LEU B 167 5.25 9.82 0.03
C LEU B 167 4.61 10.53 1.20
N GLY B 168 4.46 11.85 1.05
CA GLY B 168 3.74 12.65 2.02
C GLY B 168 2.53 13.29 1.38
N PRO B 169 1.76 14.05 2.16
CA PRO B 169 0.58 14.71 1.60
C PRO B 169 0.97 15.80 0.61
N ARG B 170 0.00 16.18 -0.21
CA ARG B 170 0.14 17.28 -1.17
C ARG B 170 1.26 17.02 -2.17
N GLY B 171 1.48 15.75 -2.53
CA GLY B 171 2.45 15.40 -3.54
C GLY B 171 3.91 15.47 -3.11
N ARG B 172 4.19 15.76 -1.84
CA ARG B 172 5.55 15.74 -1.34
C ARG B 172 6.03 14.30 -1.13
N CYS B 173 7.34 14.15 -0.96
CA CYS B 173 7.93 12.86 -0.61
C CYS B 173 9.23 13.10 0.13
N LYS B 174 9.71 12.06 0.80
CA LYS B 174 10.91 12.15 1.64
C LYS B 174 11.85 11.00 1.33
N LEU B 175 13.15 11.29 1.39
CA LEU B 175 14.18 10.27 1.24
C LEU B 175 14.44 9.62 2.60
N GLY B 176 14.52 8.29 2.60
CA GLY B 176 14.73 7.58 3.85
C GLY B 176 15.71 6.44 3.73
N ASP B 177 15.68 5.53 4.71
CA ASP B 177 16.55 4.36 4.75
C ASP B 177 18.00 4.77 4.56
N PHE B 178 18.63 5.27 5.62
CA PHE B 178 20.00 5.74 5.58
C PHE B 178 20.99 4.67 6.04
N GLY B 179 20.66 3.40 5.81
CA GLY B 179 21.54 2.34 6.28
C GLY B 179 22.85 2.26 5.51
N LEU B 180 22.82 2.54 4.20
CA LEU B 180 24.01 2.50 3.37
C LEU B 180 24.78 3.82 3.37
N LEU B 181 24.33 4.83 4.08
CA LEU B 181 24.92 6.16 3.95
C LEU B 181 26.36 6.15 4.42
N VAL B 182 27.24 6.84 3.67
CA VAL B 182 28.63 7.02 4.06
C VAL B 182 28.93 8.52 4.07
N GLU B 183 29.89 8.90 4.90
CA GLU B 183 30.43 10.26 4.92
C GLU B 183 31.78 10.25 4.21
N LEU B 184 31.99 11.21 3.30
CA LEU B 184 33.25 11.31 2.58
C LEU B 184 34.28 12.00 3.46
N GLY B 185 35.27 11.25 3.92
CA GLY B 185 36.26 11.79 4.82
C GLY B 185 37.26 12.68 4.08
N THR B 186 38.35 13.00 4.79
CA THR B 186 39.41 13.81 4.19
C THR B 186 40.01 13.11 2.97
N ALA B 187 40.25 11.81 3.07
CA ALA B 187 40.84 11.04 1.98
C ALA B 187 39.87 10.05 1.37
N GLY B 188 39.35 9.11 2.15
CA GLY B 188 38.60 7.98 1.64
C GLY B 188 37.16 8.01 2.14
N ALA B 189 36.33 7.19 1.49
CA ALA B 189 34.96 6.99 1.95
C ALA B 189 34.89 5.97 3.08
N GLY B 190 35.83 5.05 3.15
CA GLY B 190 35.92 4.11 4.26
C GLY B 190 35.13 2.84 3.99
N GLU B 191 34.14 2.55 4.83
CA GLU B 191 33.37 1.31 4.77
C GLU B 191 32.10 1.54 3.94
N VAL B 192 32.09 1.03 2.72
CA VAL B 192 30.93 1.08 1.83
C VAL B 192 30.37 -0.33 1.71
N GLN B 193 29.05 -0.46 1.83
CA GLN B 193 28.39 -1.74 1.64
C GLN B 193 27.85 -1.86 0.21
N GLU B 194 27.51 -3.10 -0.15
CA GLU B 194 27.04 -3.39 -1.50
C GLU B 194 25.67 -2.80 -1.73
N GLY B 195 25.50 -2.08 -2.83
CA GLY B 195 24.24 -1.47 -3.17
C GLY B 195 23.42 -2.29 -4.16
N ASP B 196 22.23 -1.78 -4.45
CA ASP B 196 21.38 -2.41 -5.46
C ASP B 196 21.97 -2.17 -6.83
N PRO B 197 22.38 -3.21 -7.56
CA PRO B 197 23.02 -2.99 -8.87
C PRO B 197 22.09 -2.34 -9.88
N ARG B 198 20.77 -2.52 -9.76
CA ARG B 198 19.85 -1.91 -10.72
C ARG B 198 20.00 -0.40 -10.76
N TYR B 199 20.27 0.22 -9.61
CA TYR B 199 20.34 1.68 -9.50
C TYR B 199 21.76 2.19 -9.39
N MET B 200 22.75 1.32 -9.63
CA MET B 200 24.16 1.66 -9.39
C MET B 200 24.71 2.54 -10.51
N ALA B 201 25.35 3.64 -10.12
CA ALA B 201 26.04 4.50 -11.07
C ALA B 201 27.25 3.77 -11.65
N PRO B 202 27.58 4.03 -12.93
CA PRO B 202 28.65 3.24 -13.59
C PRO B 202 29.99 3.32 -12.88
N GLU B 203 30.36 4.49 -12.36
CA GLU B 203 31.70 4.63 -11.78
C GLU B 203 31.88 3.83 -10.51
N LEU B 204 30.78 3.44 -9.83
CA LEU B 204 30.91 2.68 -8.60
C LEU B 204 31.59 1.35 -8.83
N LEU B 205 31.50 0.81 -10.05
CA LEU B 205 32.18 -0.43 -10.34
C LEU B 205 33.68 -0.31 -10.20
N GLN B 206 34.22 0.89 -10.43
CA GLN B 206 35.65 1.14 -10.36
C GLN B 206 36.07 1.81 -9.05
N GLY B 207 35.26 1.65 -8.00
CA GLY B 207 35.61 2.19 -6.69
C GLY B 207 35.61 3.69 -6.60
N SER B 208 34.84 4.38 -7.43
CA SER B 208 34.84 5.84 -7.47
C SER B 208 33.57 6.33 -6.82
N TYR B 209 33.62 6.51 -5.50
CA TYR B 209 32.46 6.87 -4.70
C TYR B 209 32.41 8.37 -4.49
N GLY B 210 31.27 8.97 -4.82
CA GLY B 210 31.08 10.39 -4.63
C GLY B 210 29.60 10.71 -4.61
N THR B 211 29.31 12.00 -4.37
CA THR B 211 27.91 12.42 -4.35
C THR B 211 27.25 12.20 -5.70
N ALA B 212 28.01 12.35 -6.79
CA ALA B 212 27.48 12.12 -8.13
C ALA B 212 26.80 10.77 -8.27
N ALA B 213 27.13 9.80 -7.43
CA ALA B 213 26.51 8.48 -7.53
C ALA B 213 25.02 8.56 -7.26
N ASP B 214 24.61 9.38 -6.28
CA ASP B 214 23.20 9.49 -5.93
C ASP B 214 22.40 10.13 -7.06
N VAL B 215 22.99 11.11 -7.75
CA VAL B 215 22.26 11.75 -8.84
C VAL B 215 21.94 10.74 -9.94
N PHE B 216 22.86 9.81 -10.22
CA PHE B 216 22.57 8.79 -11.22
C PHE B 216 21.48 7.84 -10.74
N SER B 217 21.59 7.36 -9.50
CA SER B 217 20.57 6.47 -8.94
C SER B 217 19.20 7.12 -9.02
N LEU B 218 19.12 8.41 -8.70
CA LEU B 218 17.84 9.10 -8.83
C LEU B 218 17.38 9.12 -10.29
N GLY B 219 18.32 9.28 -11.23
CA GLY B 219 17.95 9.28 -12.63
C GLY B 219 17.27 8.00 -13.07
N LEU B 220 17.77 6.86 -12.59
CA LEU B 220 17.10 5.61 -12.89
C LEU B 220 15.82 5.43 -12.09
N THR B 221 15.76 6.01 -10.89
CA THR B 221 14.53 5.99 -10.11
C THR B 221 13.40 6.71 -10.84
N ILE B 222 13.69 7.87 -11.42
CA ILE B 222 12.66 8.63 -12.13
C ILE B 222 12.32 7.95 -13.45
N LEU B 223 13.33 7.40 -14.13
CA LEU B 223 13.06 6.67 -15.37
C LEU B 223 12.20 5.44 -15.10
N GLU B 224 12.45 4.74 -14.00
CA GLU B 224 11.67 3.54 -13.69
C GLU B 224 10.21 3.86 -13.45
N VAL B 225 9.91 4.93 -12.72
CA VAL B 225 8.52 5.22 -12.36
C VAL B 225 7.80 6.02 -13.44
N ALA B 226 8.51 6.91 -14.15
CA ALA B 226 7.84 7.70 -15.18
C ALA B 226 7.58 6.87 -16.43
N CYS B 227 8.25 5.73 -16.58
CA CYS B 227 8.05 4.85 -17.73
C CYS B 227 7.54 3.49 -17.35
N ASN B 228 7.50 3.17 -16.06
CA ASN B 228 7.02 1.86 -15.60
C ASN B 228 7.80 0.74 -16.26
N MET B 229 9.12 0.88 -16.25
CA MET B 229 10.00 -0.15 -16.78
C MET B 229 10.74 -0.82 -15.63
N GLU B 230 11.13 -2.07 -15.87
CA GLU B 230 11.89 -2.83 -14.88
C GLU B 230 13.39 -2.68 -15.14
N LEU B 231 14.13 -2.26 -14.12
CA LEU B 231 15.56 -2.02 -14.26
C LEU B 231 16.33 -3.34 -14.23
N PRO B 232 17.28 -3.52 -15.15
CA PRO B 232 18.03 -4.79 -15.19
C PRO B 232 19.12 -4.85 -14.14
N HIS B 233 19.45 -6.08 -13.74
CA HIS B 233 20.53 -6.32 -12.78
C HIS B 233 21.91 -6.39 -13.44
N GLY B 234 21.97 -6.87 -14.67
CA GLY B 234 23.24 -7.03 -15.35
C GLY B 234 23.00 -7.19 -16.83
N GLY B 235 23.96 -7.84 -17.50
CA GLY B 235 23.85 -8.07 -18.93
C GLY B 235 23.83 -6.79 -19.74
N GLU B 236 23.61 -6.92 -21.05
CA GLU B 236 23.63 -5.75 -21.94
C GLU B 236 22.53 -4.76 -21.60
N GLY B 237 21.42 -5.23 -21.02
CA GLY B 237 20.40 -4.30 -20.58
C GLY B 237 20.93 -3.31 -19.57
N TRP B 238 21.67 -3.81 -18.58
CA TRP B 238 22.32 -2.92 -17.61
C TRP B 238 23.30 -1.98 -18.29
N GLN B 239 23.99 -2.48 -19.32
CA GLN B 239 25.01 -1.69 -20.01
C GLN B 239 24.38 -0.55 -20.82
N GLN B 240 23.22 -0.81 -21.42
CA GLN B 240 22.61 0.16 -22.33
C GLN B 240 22.09 1.40 -21.61
N LEU B 241 21.72 1.27 -20.34
CA LEU B 241 21.29 2.40 -19.53
C LEU B 241 22.45 3.22 -19.01
N ARG B 242 23.69 2.88 -19.37
CA ARG B 242 24.85 3.53 -18.81
C ARG B 242 25.81 4.01 -19.88
N GLN B 243 25.29 4.30 -21.07
CA GLN B 243 26.07 4.86 -22.16
C GLN B 243 25.76 6.32 -22.42
N GLY B 244 24.84 6.92 -21.66
CA GLY B 244 24.53 8.32 -21.82
C GLY B 244 23.36 8.63 -22.74
N TYR B 245 22.76 7.62 -23.36
CA TYR B 245 21.55 7.80 -24.15
C TYR B 245 20.39 7.09 -23.47
N LEU B 246 19.19 7.61 -23.66
CA LEU B 246 18.01 6.94 -23.14
C LEU B 246 17.55 5.87 -24.14
N PRO B 247 17.24 4.66 -23.68
CA PRO B 247 16.65 3.65 -24.58
C PRO B 247 15.37 4.17 -25.22
N PRO B 248 15.37 4.34 -26.55
CA PRO B 248 14.32 5.15 -27.20
C PRO B 248 12.93 4.55 -27.16
N GLU B 249 12.73 3.38 -26.54
CA GLU B 249 11.40 2.77 -26.52
C GLU B 249 10.54 3.36 -25.40
N PHE B 250 10.89 3.06 -24.15
CA PHE B 250 10.08 3.51 -23.02
C PHE B 250 10.06 5.03 -22.91
N THR B 251 11.15 5.69 -23.31
CA THR B 251 11.24 7.14 -23.19
C THR B 251 10.33 7.90 -24.14
N ALA B 252 9.59 7.21 -25.01
CA ALA B 252 8.78 7.90 -26.00
C ALA B 252 7.68 8.74 -25.35
N GLY B 253 7.07 8.21 -24.28
CA GLY B 253 5.98 8.92 -23.63
C GLY B 253 6.42 10.17 -22.90
N LEU B 254 7.68 10.26 -22.50
CA LEU B 254 8.16 11.40 -21.72
C LEU B 254 8.11 12.69 -22.54
N SER B 255 8.15 13.81 -21.83
CA SER B 255 8.18 15.11 -22.47
C SER B 255 9.61 15.50 -22.79
N SER B 256 9.75 16.53 -23.63
CA SER B 256 11.08 17.01 -23.99
C SER B 256 11.87 17.47 -22.77
N GLU B 257 11.20 18.13 -21.82
CA GLU B 257 11.89 18.68 -20.67
C GLU B 257 12.40 17.57 -19.74
N LEU B 258 11.51 16.66 -19.35
CA LEU B 258 11.92 15.59 -18.45
C LEU B 258 13.00 14.72 -19.08
N ARG B 259 12.92 14.49 -20.39
CA ARG B 259 13.95 13.75 -21.09
C ARG B 259 15.30 14.47 -20.99
N SER B 260 15.27 15.80 -21.12
CA SER B 260 16.50 16.59 -20.98
C SER B 260 17.10 16.43 -19.60
N VAL B 261 16.27 16.50 -18.56
CA VAL B 261 16.78 16.38 -17.19
C VAL B 261 17.39 15.00 -16.99
N LEU B 262 16.74 13.96 -17.51
CA LEU B 262 17.22 12.59 -17.29
C LEU B 262 18.56 12.34 -17.99
N VAL B 263 18.76 12.92 -19.17
CA VAL B 263 20.05 12.76 -19.86
C VAL B 263 21.17 13.38 -19.05
N MET B 264 20.91 14.53 -18.42
CA MET B 264 21.90 15.14 -17.54
C MET B 264 22.18 14.24 -16.34
N MET B 265 21.13 13.67 -15.76
CA MET B 265 21.30 12.86 -14.55
C MET B 265 21.98 11.54 -14.85
N LEU B 266 21.74 10.96 -16.03
CA LEU B 266 22.30 9.67 -16.39
C LEU B 266 23.62 9.78 -17.13
N GLU B 267 24.26 10.94 -17.07
CA GLU B 267 25.56 11.11 -17.70
C GLU B 267 26.55 10.12 -17.08
N PRO B 268 27.26 9.32 -17.90
CA PRO B 268 28.10 8.27 -17.31
C PRO B 268 29.32 8.80 -16.58
N ASP B 269 29.93 9.88 -17.06
CA ASP B 269 31.15 10.41 -16.45
C ASP B 269 30.81 11.24 -15.22
N PRO B 270 31.17 10.80 -14.01
CA PRO B 270 30.81 11.57 -12.81
C PRO B 270 31.42 12.96 -12.78
N LYS B 271 32.55 13.16 -13.47
CA LYS B 271 33.10 14.51 -13.59
C LYS B 271 32.16 15.42 -14.35
N LEU B 272 31.38 14.87 -15.29
CA LEU B 272 30.53 15.68 -16.15
C LEU B 272 29.06 15.62 -15.74
N ARG B 273 28.73 14.86 -14.70
CA ARG B 273 27.36 14.71 -14.28
C ARG B 273 26.90 15.93 -13.49
N ALA B 274 25.67 16.36 -13.74
CA ALA B 274 25.11 17.50 -13.03
C ALA B 274 25.01 17.19 -11.53
N THR B 275 25.07 18.25 -10.73
CA THR B 275 24.85 18.13 -9.30
C THR B 275 23.38 18.38 -9.00
N ALA B 276 22.93 17.88 -7.85
CA ALA B 276 21.55 18.12 -7.47
C ALA B 276 21.29 19.61 -7.28
N GLU B 277 22.27 20.32 -6.73
CA GLU B 277 22.12 21.77 -6.57
C GLU B 277 22.03 22.46 -7.92
N ALA B 278 22.78 21.96 -8.91
CA ALA B 278 22.67 22.53 -10.25
C ALA B 278 21.31 22.23 -10.88
N LEU B 279 20.82 21.00 -10.71
CA LEU B 279 19.53 20.63 -11.28
C LEU B 279 18.41 21.49 -10.72
N LEU B 280 18.41 21.69 -9.39
CA LEU B 280 17.42 22.54 -8.75
C LEU B 280 17.47 23.97 -9.25
N ALA B 281 18.55 24.38 -9.90
CA ALA B 281 18.63 25.72 -10.45
C ALA B 281 18.05 25.80 -11.86
N LEU B 282 17.80 24.66 -12.51
CA LEU B 282 17.24 24.68 -13.84
C LEU B 282 15.83 25.27 -13.80
N PRO B 283 15.40 25.91 -14.89
CA PRO B 283 14.07 26.54 -14.89
C PRO B 283 12.94 25.58 -14.57
N VAL B 284 13.04 24.31 -15.00
CA VAL B 284 11.96 23.36 -14.79
C VAL B 284 11.84 22.93 -13.32
N LEU B 285 12.88 23.11 -12.51
CA LEU B 285 12.91 22.58 -11.15
C LEU B 285 12.85 23.66 -10.08
N ARG B 286 12.68 24.93 -10.46
CA ARG B 286 12.64 26.03 -9.50
C ARG B 286 11.24 26.15 -8.91
N GLN B 287 11.09 25.69 -7.66
CA GLN B 287 9.83 25.82 -6.93
C GLN B 287 8.64 25.21 -7.68
C10 A1EJX C . -10.65 -14.28 -3.60
C11 A1EJX C . -9.68 -13.30 -3.46
C13 A1EJX C . -7.37 -9.66 -1.92
C15 A1EJX C . -6.93 -9.21 -0.67
C16 A1EJX C . -8.66 -10.52 0.31
C17 A1EJX C . -7.57 -9.67 0.48
C19 A1EJX C . -7.15 -9.19 1.82
C22 A1EJX C . -12.08 -10.36 -3.71
C24 A1EJX C . -7.63 -9.79 2.99
C25 A1EJX C . -7.26 -9.31 4.23
C26 A1EJX C . -6.42 -8.22 4.36
C27 A1EJX C . -5.98 -7.59 3.20
C28 A1EJX C . -6.34 -8.07 1.95
C1 A1EJX C . -7.15 -9.48 -4.35
C2 A1EJX C . -8.25 -10.43 -4.44
C29 A1EJX C . -6.01 -7.64 5.67
C32 A1EJX C . -4.70 -7.74 7.71
C33 A1EJX C . -4.50 -9.56 6.08
C4 A1EJX C . -8.89 -10.98 -3.32
C5 A1EJX C . -8.45 -10.54 -1.99
C6 A1EJX C . -10.01 -11.95 -3.47
C7 A1EJX C . -11.36 -11.56 -3.64
C8 A1EJX C . -12.34 -12.56 -3.78
C9 A1EJX C . -11.95 -13.89 -3.75
F12 A1EJX C . -12.91 -14.83 -3.90
N14 A1EJX C . -9.10 -10.96 -0.88
N20 A1EJX C . -8.61 -10.78 -5.69
N21 A1EJX C . -13.52 -11.93 -3.91
N23 A1EJX C . -13.37 -10.57 -3.88
N3 A1EJX C . -6.72 -9.23 -3.09
N30 A1EJX C . -5.12 -8.29 6.42
O18 A1EJX C . -6.62 -8.95 -5.33
O31 A1EJX C . -6.49 -6.57 6.01
S SO4 D . -24.22 -28.70 8.89
O1 SO4 D . -23.24 -27.79 8.19
O2 SO4 D . -24.98 -27.93 9.94
O3 SO4 D . -25.17 -29.28 7.89
O4 SO4 D . -23.45 -29.81 9.54
S SO4 E . -11.44 -4.37 11.23
O1 SO4 E . -11.94 -4.89 9.93
O2 SO4 E . -11.51 -2.87 11.26
O3 SO4 E . -12.29 -4.91 12.35
O4 SO4 E . -10.02 -4.78 11.41
S SO4 F . -28.53 -8.29 10.02
O1 SO4 F . -29.04 -7.47 8.87
O2 SO4 F . -29.00 -7.66 11.30
O3 SO4 F . -29.07 -9.68 9.92
O4 SO4 F . -27.03 -8.32 10.00
S SO4 G . -12.74 -32.43 -13.51
O1 SO4 G . -13.14 -33.39 -14.58
O2 SO4 G . -11.85 -31.35 -14.10
O3 SO4 G . -13.98 -31.79 -12.95
O4 SO4 G . -12.01 -33.16 -12.43
S SO4 H . -0.78 2.03 -1.46
O1 SO4 H . -0.06 2.54 -2.67
O2 SO4 H . -2.25 2.36 -1.58
O3 SO4 H . -0.61 0.55 -1.32
O4 SO4 H . -0.24 2.69 -0.23
S SO4 I . -18.41 -9.65 8.17
O1 SO4 I . -18.83 -8.64 7.16
O2 SO4 I . -19.16 -9.41 9.46
O3 SO4 I . -18.71 -11.04 7.66
O4 SO4 I . -16.94 -9.52 8.42
C10 A1EJX J . 12.22 3.10 10.41
C11 A1EJX J . 11.02 3.16 9.70
C13 A1EJX J . 8.00 2.75 6.25
C15 A1EJX J . 7.63 1.74 5.36
C16 A1EJX J . 9.79 0.78 5.69
C17 A1EJX J . 8.54 0.72 5.08
C19 A1EJX J . 8.20 -0.34 4.10
C22 A1EJX J . 12.45 5.03 6.70
C24 A1EJX J . 7.33 -0.09 3.04
C25 A1EJX J . 7.05 -1.07 2.10
C26 A1EJX J . 7.65 -2.32 2.17
C27 A1EJX J . 8.55 -2.57 3.20
C28 A1EJX J . 8.82 -1.60 4.15
C1 A1EJX J . 7.47 4.93 7.20
C2 A1EJX J . 8.75 4.86 7.89
C29 A1EJX J . 7.33 -3.33 1.11
C32 A1EJX J . 6.21 -4.79 2.79
C33 A1EJX J . 6.38 -5.44 0.41
C4 A1EJX J . 9.63 3.80 7.76
C5 A1EJX J . 9.29 2.71 6.84
C6 A1EJX J . 10.95 3.77 8.46
C7 A1EJX J . 12.11 4.35 7.89
C8 A1EJX J . 13.32 4.29 8.61
C9 A1EJX J . 13.34 3.67 9.84
F12 A1EJX J . 14.51 3.62 10.51
N14 A1EJX J . 10.16 1.74 6.55
N20 A1EJX J . 9.03 5.91 8.71
N21 A1EJX J . 14.25 4.90 7.84
N23 A1EJX J . 13.73 5.37 6.68
N3 A1EJX J . 7.12 3.78 6.58
N30 A1EJX J . 6.67 -4.45 1.45
O18 A1EJX J . 6.75 5.92 7.17
O31 A1EJX J . 7.70 -3.11 -0.04
S SO4 K . 31.27 -10.18 13.98
O1 SO4 K . 31.83 -10.47 12.62
O2 SO4 K . 30.02 -9.35 13.85
O3 SO4 K . 30.91 -11.48 14.65
O4 SO4 K . 32.28 -9.44 14.80
S SO4 L . 12.69 -5.49 -4.76
O1 SO4 L . 12.42 -5.52 -6.24
O2 SO4 L . 13.14 -4.12 -4.33
O3 SO4 L . 11.43 -5.85 -4.03
O4 SO4 L . 13.76 -6.49 -4.44
S SO4 M . 29.53 -1.50 -5.12
O1 SO4 M . 29.81 -1.89 -6.53
O2 SO4 M . 28.97 -0.11 -5.10
O3 SO4 M . 28.51 -2.44 -4.52
O4 SO4 M . 30.78 -1.55 -4.32
S SO4 N . 20.12 -2.79 -0.65
O1 SO4 N . 20.92 -1.88 -1.54
O2 SO4 N . 18.99 -2.02 -0.03
O3 SO4 N . 19.57 -3.92 -1.46
O4 SO4 N . 21.03 -3.34 0.42
#